data_7TZW
#
_entry.id   7TZW
#
_cell.length_a   41.190
_cell.length_b   51.183
_cell.length_c   79.027
_cell.angle_alpha   90.000
_cell.angle_beta   92.090
_cell.angle_gamma   90.000
#
_symmetry.space_group_name_H-M   'P 1 21 1'
#
loop_
_entity.id
_entity.type
_entity.pdbx_description
1 polymer 'Cytochrome P450'
2 non-polymer '4-CHLORO-BENZOIC ACID'
3 non-polymer 'PROTOPORPHYRIN IX CONTAINING FE'
4 non-polymer 'CHLORIDE ION'
5 non-polymer 'MAGNESIUM ION'
6 water water
#
_entity_poly.entity_id   1
_entity_poly.type   'polypeptide(L)'
_entity_poly.pdbx_seq_one_letter_code
;MISNSSAESISAPPNDSTIPHLAIDPFSLDFFDDPYPDQQTLRDAGPVVYLDKWNVYGVARYAEVHAVLNDPTTFCSSRG
VGLSDFKKEKPWRPPSLILEADPPAHTRPRAVLSKVLSPATMKTIRDGFAAAADAKVDELLQRGCIDAIADLAEAYPLSV
FPDAMGLKQEGREHLLPYAGLVFNAFGPPNELRQTAIERSAPHQAYVNEQCQRPNLAPGGFGACIHAFTDTGEITPDEAP
LLVRSLLSAGLDTTVNGIGAAVYCLARFPGELQRLRSDPTLARNAFEEAVRFESPVQTFFRTTTREVELGGAVIGEGEKV
LMFLGSANRDPRRWSDPDLYDITRKTSGHVGFGSGVHMCVGQLVARLEGEVMLSALARKVAAIDIDGPVKRRFNNTLRGL
ESLPVKLTPA
;
_entity_poly.pdbx_strand_id   A
#
loop_
_chem_comp.id
_chem_comp.type
_chem_comp.name
_chem_comp.formula
174 non-polymer '4-CHLORO-BENZOIC ACID' 'C7 H5 Cl O2'
CL non-polymer 'CHLORIDE ION' 'Cl -1'
HEM non-polymer 'PROTOPORPHYRIN IX CONTAINING FE' 'C34 H32 Fe N4 O4'
MG non-polymer 'MAGNESIUM ION' 'Mg 2'
#
# COMPACT_ATOMS: atom_id res chain seq x y z
N THR A 18 7.24 -9.97 -31.57
CA THR A 18 6.65 -8.64 -31.51
C THR A 18 6.74 -8.05 -30.10
N ILE A 19 6.60 -8.90 -29.10
CA ILE A 19 6.67 -8.51 -27.69
C ILE A 19 8.10 -8.76 -27.21
N PRO A 20 8.77 -7.77 -26.63
CA PRO A 20 10.13 -8.03 -26.14
C PRO A 20 10.12 -8.93 -24.91
N HIS A 21 11.11 -9.82 -24.86
CA HIS A 21 11.31 -10.73 -23.73
C HIS A 21 12.48 -10.23 -22.90
N LEU A 22 12.23 -10.00 -21.61
CA LEU A 22 13.26 -9.53 -20.70
C LEU A 22 13.49 -10.54 -19.60
N ALA A 23 14.74 -10.61 -19.14
CA ALA A 23 15.15 -11.49 -18.05
C ALA A 23 15.12 -10.80 -16.69
N ILE A 24 14.78 -9.52 -16.64
CA ILE A 24 14.72 -8.79 -15.39
C ILE A 24 13.79 -9.53 -14.42
N ASP A 25 14.27 -9.71 -13.18
CA ASP A 25 13.44 -10.28 -12.14
C ASP A 25 12.98 -9.14 -11.23
N PRO A 26 11.74 -8.67 -11.36
CA PRO A 26 11.29 -7.54 -10.53
C PRO A 26 11.05 -7.92 -9.08
N PHE A 27 11.29 -9.17 -8.70
CA PHE A 27 11.16 -9.60 -7.32
C PHE A 27 12.49 -10.02 -6.73
N SER A 28 13.60 -9.65 -7.38
CA SER A 28 14.93 -9.97 -6.87
C SER A 28 15.42 -8.88 -5.94
N LEU A 29 16.30 -9.26 -5.02
CA LEU A 29 16.81 -8.29 -4.06
C LEU A 29 17.56 -7.17 -4.76
N ASP A 30 18.31 -7.49 -5.83
CA ASP A 30 19.03 -6.45 -6.55
C ASP A 30 18.07 -5.45 -7.18
N PHE A 31 16.92 -5.92 -7.66
CA PHE A 31 15.90 -5.02 -8.18
C PHE A 31 15.33 -4.12 -7.07
N PHE A 32 14.97 -4.72 -5.93
CA PHE A 32 14.44 -3.92 -4.82
C PHE A 32 15.44 -2.87 -4.37
N ASP A 33 16.73 -3.23 -4.36
CA ASP A 33 17.75 -2.32 -3.87
C ASP A 33 17.83 -1.04 -4.69
N ASP A 34 17.59 -1.11 -6.00
CA ASP A 34 17.53 0.08 -6.84
C ASP A 34 16.70 -0.26 -8.07
N PRO A 35 15.40 -0.03 -8.03
CA PRO A 35 14.53 -0.46 -9.12
C PRO A 35 14.50 0.47 -10.33
N TYR A 36 15.03 1.69 -10.21
CA TYR A 36 14.67 2.69 -11.20
C TYR A 36 15.29 2.46 -12.58
N PRO A 37 16.56 2.08 -12.67
CA PRO A 37 17.10 1.74 -14.00
C PRO A 37 16.33 0.61 -14.66
N ASP A 38 16.03 -0.46 -13.92
CA ASP A 38 15.27 -1.57 -14.51
C ASP A 38 13.86 -1.13 -14.90
N GLN A 39 13.25 -0.26 -14.10
CA GLN A 39 11.92 0.25 -14.46
C GLN A 39 11.95 1.03 -15.77
N GLN A 40 13.00 1.81 -16.02
CA GLN A 40 13.09 2.49 -17.31
C GLN A 40 13.27 1.49 -18.43
N THR A 41 14.11 0.48 -18.24
CA THR A 41 14.27 -0.57 -19.24
C THR A 41 12.92 -1.21 -19.56
N LEU A 42 12.13 -1.51 -18.52
CA LEU A 42 10.80 -2.09 -18.73
C LEU A 42 9.89 -1.15 -19.51
N ARG A 43 9.93 0.15 -19.20
CA ARG A 43 9.10 1.10 -19.93
C ARG A 43 9.56 1.25 -21.38
N ASP A 44 10.88 1.36 -21.59
CA ASP A 44 11.39 1.69 -22.91
C ASP A 44 11.46 0.49 -23.84
N ALA A 45 11.35 -0.73 -23.30
CA ALA A 45 11.35 -1.91 -24.16
C ALA A 45 10.09 -2.00 -25.00
N GLY A 46 8.99 -1.42 -24.54
CA GLY A 46 7.72 -1.44 -25.24
C GLY A 46 6.55 -1.25 -24.30
N PRO A 47 5.38 -0.97 -24.86
CA PRO A 47 4.19 -0.84 -24.00
C PRO A 47 3.82 -2.11 -23.26
N VAL A 48 4.18 -3.28 -23.81
CA VAL A 48 3.97 -4.56 -23.13
C VAL A 48 5.23 -5.39 -23.29
N VAL A 49 5.68 -6.00 -22.20
CA VAL A 49 6.85 -6.87 -22.21
C VAL A 49 6.46 -8.24 -21.69
N TYR A 50 7.30 -9.23 -21.97
CA TYR A 50 7.14 -10.55 -21.39
C TYR A 50 8.33 -10.80 -20.48
N LEU A 51 8.05 -11.14 -19.23
CA LEU A 51 9.10 -11.41 -18.25
C LEU A 51 9.34 -12.92 -18.21
N ASP A 52 10.44 -13.34 -18.84
CA ASP A 52 10.77 -14.76 -18.95
C ASP A 52 11.03 -15.41 -17.59
N LYS A 53 11.45 -14.62 -16.59
CA LYS A 53 11.75 -15.19 -15.29
C LYS A 53 10.53 -15.84 -14.65
N TRP A 54 9.35 -15.30 -14.91
CA TRP A 54 8.14 -15.74 -14.22
C TRP A 54 7.00 -16.07 -15.18
N ASN A 55 7.21 -15.98 -16.49
CA ASN A 55 6.18 -16.25 -17.48
C ASN A 55 4.92 -15.40 -17.25
N VAL A 56 5.12 -14.08 -17.16
CA VAL A 56 4.02 -13.14 -17.08
C VAL A 56 4.29 -11.99 -18.04
N TYR A 57 3.21 -11.34 -18.47
CA TYR A 57 3.29 -10.09 -19.18
C TYR A 57 3.49 -8.97 -18.17
N GLY A 58 4.12 -7.90 -18.63
CA GLY A 58 4.35 -6.74 -17.79
C GLY A 58 3.99 -5.48 -18.54
N VAL A 59 3.38 -4.54 -17.81
CA VAL A 59 3.14 -3.19 -18.29
C VAL A 59 3.72 -2.20 -17.27
N ALA A 60 4.59 -1.30 -17.75
CA ALA A 60 5.28 -0.38 -16.86
C ALA A 60 5.10 1.09 -17.20
N ARG A 61 4.47 1.42 -18.32
CA ARG A 61 4.17 2.81 -18.64
C ARG A 61 2.84 3.20 -18.01
N TYR A 62 2.70 4.51 -17.78
CA TYR A 62 1.48 5.01 -17.16
C TYR A 62 0.24 4.65 -17.97
N ALA A 63 0.25 4.92 -19.28
CA ALA A 63 -0.94 4.70 -20.09
C ALA A 63 -1.45 3.26 -19.97
N GLU A 64 -0.56 2.28 -20.14
CA GLU A 64 -1.02 0.89 -20.12
C GLU A 64 -1.41 0.43 -18.71
N VAL A 65 -0.66 0.86 -17.70
CA VAL A 65 -1.03 0.51 -16.33
C VAL A 65 -2.42 1.05 -16.02
N HIS A 66 -2.66 2.31 -16.36
CA HIS A 66 -3.98 2.90 -16.13
C HIS A 66 -5.05 2.20 -16.94
N ALA A 67 -4.76 1.87 -18.20
CA ALA A 67 -5.73 1.15 -19.02
C ALA A 67 -6.07 -0.21 -18.41
N VAL A 68 -5.06 -0.95 -17.96
CA VAL A 68 -5.32 -2.28 -17.41
C VAL A 68 -6.17 -2.17 -16.15
N LEU A 69 -5.79 -1.25 -15.25
CA LEU A 69 -6.54 -1.06 -14.01
C LEU A 69 -8.01 -0.75 -14.28
N ASN A 70 -8.29 -0.06 -15.37
CA ASN A 70 -9.64 0.43 -15.67
C ASN A 70 -10.38 -0.47 -16.66
N ASP A 71 -9.91 -1.69 -16.86
CA ASP A 71 -10.54 -2.65 -17.75
C ASP A 71 -10.76 -3.95 -16.98
N PRO A 72 -11.60 -3.91 -15.94
CA PRO A 72 -11.72 -5.09 -15.06
C PRO A 72 -12.40 -6.28 -15.70
N THR A 73 -13.23 -6.11 -16.75
CA THR A 73 -13.88 -7.27 -17.34
C THR A 73 -12.93 -8.13 -18.15
N THR A 74 -11.81 -7.57 -18.61
CA THR A 74 -10.78 -8.36 -19.26
C THR A 74 -9.59 -8.66 -18.35
N PHE A 75 -9.19 -7.70 -17.51
CA PHE A 75 -8.07 -7.90 -16.60
C PHE A 75 -8.66 -8.06 -15.20
N CYS A 76 -9.00 -9.30 -14.86
CA CYS A 76 -9.79 -9.55 -13.67
C CYS A 76 -8.88 -9.71 -12.44
N SER A 77 -9.53 -9.63 -11.27
CA SER A 77 -8.88 -9.82 -9.98
C SER A 77 -9.31 -11.11 -9.27
N SER A 78 -10.37 -11.77 -9.73
CA SER A 78 -10.88 -12.94 -9.01
C SER A 78 -9.99 -14.17 -9.17
N ARG A 79 -9.02 -14.15 -10.09
CA ARG A 79 -8.02 -15.21 -10.16
C ARG A 79 -6.74 -14.86 -9.40
N GLY A 80 -6.82 -13.86 -8.52
CA GLY A 80 -5.68 -13.49 -7.71
C GLY A 80 -4.99 -12.25 -8.24
N VAL A 81 -4.52 -11.39 -7.36
CA VAL A 81 -3.73 -10.23 -7.76
C VAL A 81 -2.25 -10.43 -7.45
N GLY A 82 -1.87 -11.63 -7.04
CA GLY A 82 -0.48 -12.04 -7.03
C GLY A 82 -0.14 -12.87 -8.26
N LEU A 83 1.05 -13.46 -8.22
CA LEU A 83 1.47 -14.27 -9.36
C LEU A 83 0.60 -15.51 -9.49
N SER A 84 0.20 -16.09 -8.36
CA SER A 84 -0.55 -17.34 -8.38
C SER A 84 -1.92 -17.12 -9.02
N ASP A 85 -2.32 -18.05 -9.88
CA ASP A 85 -3.61 -18.02 -10.54
C ASP A 85 -4.54 -18.94 -9.75
N PHE A 86 -5.59 -18.36 -9.15
CA PHE A 86 -6.48 -19.15 -8.30
C PHE A 86 -7.21 -20.26 -9.06
N LYS A 87 -7.27 -20.19 -10.39
CA LYS A 87 -7.82 -21.29 -11.19
C LYS A 87 -6.85 -22.46 -11.28
N LYS A 88 -5.58 -22.27 -10.94
CA LYS A 88 -4.55 -23.28 -11.09
C LYS A 88 -3.99 -23.78 -9.78
N GLU A 89 -3.87 -22.92 -8.77
CA GLU A 89 -3.34 -23.29 -7.45
C GLU A 89 -4.31 -22.83 -6.37
N LYS A 90 -4.21 -23.47 -5.22
CA LYS A 90 -5.03 -23.08 -4.09
C LYS A 90 -4.47 -21.80 -3.47
N PRO A 91 -5.33 -20.83 -3.15
CA PRO A 91 -4.84 -19.63 -2.45
C PRO A 91 -4.28 -20.02 -1.09
N TRP A 92 -3.26 -19.27 -0.65
CA TRP A 92 -2.61 -19.58 0.62
C TRP A 92 -3.55 -19.32 1.81
N ARG A 93 -4.56 -18.50 1.62
CA ARG A 93 -5.61 -18.23 2.59
C ARG A 93 -6.88 -18.00 1.79
N PRO A 94 -8.05 -18.10 2.42
CA PRO A 94 -9.30 -17.88 1.69
C PRO A 94 -9.26 -16.55 0.96
N PRO A 95 -9.76 -16.50 -0.27
CA PRO A 95 -9.63 -15.26 -1.06
C PRO A 95 -10.28 -14.06 -0.37
N SER A 96 -9.63 -12.90 -0.53
CA SER A 96 -10.24 -11.65 -0.06
C SER A 96 -11.53 -11.44 -0.82
N LEU A 97 -12.58 -11.05 -0.09
CA LEU A 97 -13.88 -10.82 -0.70
C LEU A 97 -13.94 -9.50 -1.47
N ILE A 98 -12.93 -8.66 -1.35
CA ILE A 98 -12.90 -7.39 -2.03
C ILE A 98 -11.73 -7.30 -3.02
N LEU A 99 -10.51 -7.54 -2.55
CA LEU A 99 -9.35 -7.41 -3.43
C LEU A 99 -9.34 -8.48 -4.52
N GLU A 100 -9.78 -9.69 -4.17
CA GLU A 100 -9.70 -10.85 -5.05
C GLU A 100 -11.07 -11.27 -5.57
N ALA A 101 -11.90 -10.27 -5.85
CA ALA A 101 -13.22 -10.47 -6.41
C ALA A 101 -13.45 -9.46 -7.52
N ASP A 102 -14.32 -9.81 -8.45
CA ASP A 102 -14.73 -8.94 -9.53
C ASP A 102 -16.17 -8.51 -9.32
N PRO A 103 -16.60 -7.41 -9.94
CA PRO A 103 -18.04 -7.12 -9.96
C PRO A 103 -18.77 -8.23 -10.70
N PRO A 104 -19.97 -8.60 -10.27
CA PRO A 104 -20.76 -7.96 -9.20
C PRO A 104 -20.44 -8.43 -7.76
N ALA A 105 -19.74 -9.55 -7.59
CA ALA A 105 -19.49 -10.02 -6.23
C ALA A 105 -18.74 -8.98 -5.39
N HIS A 106 -17.90 -8.18 -6.05
CA HIS A 106 -17.08 -7.18 -5.38
C HIS A 106 -17.93 -6.05 -4.79
N THR A 107 -19.09 -5.78 -5.37
CA THR A 107 -19.72 -4.47 -5.22
C THR A 107 -20.22 -4.22 -3.81
N ARG A 108 -20.97 -5.15 -3.23
CA ARG A 108 -21.53 -4.83 -1.92
C ARG A 108 -20.48 -4.85 -0.81
N PRO A 109 -19.57 -5.83 -0.80
CA PRO A 109 -18.44 -5.76 0.15
C PRO A 109 -17.64 -4.45 0.02
N ARG A 110 -17.37 -4.02 -1.20
CA ARG A 110 -16.71 -2.73 -1.40
C ARG A 110 -17.53 -1.59 -0.79
N ALA A 111 -18.85 -1.63 -0.98
CA ALA A 111 -19.70 -0.57 -0.44
C ALA A 111 -19.62 -0.54 1.09
N VAL A 112 -19.57 -1.71 1.72
CA VAL A 112 -19.45 -1.74 3.17
C VAL A 112 -18.15 -1.08 3.63
N LEU A 113 -17.02 -1.47 3.04
CA LEU A 113 -15.76 -0.84 3.45
C LEU A 113 -15.75 0.64 3.13
N SER A 114 -16.38 1.05 2.02
N SER A 114 -16.33 1.03 2.10
N SER A 114 -16.33 1.03 2.10
CA SER A 114 -16.44 2.47 1.68
CA SER A 114 -16.39 2.45 1.76
CA SER A 114 -16.39 2.45 1.76
C SER A 114 -17.21 3.25 2.73
C SER A 114 -17.16 3.23 2.81
C SER A 114 -17.16 3.23 2.81
N LYS A 115 -18.24 2.64 3.32
CA LYS A 115 -19.02 3.31 4.34
C LYS A 115 -18.32 3.28 5.69
N VAL A 116 -17.69 2.14 6.01
CA VAL A 116 -16.94 2.03 7.26
C VAL A 116 -15.80 3.03 7.30
N LEU A 117 -15.12 3.24 6.17
CA LEU A 117 -13.98 4.14 6.06
C LEU A 117 -14.34 5.41 5.32
N SER A 118 -15.55 5.91 5.56
CA SER A 118 -16.15 6.99 4.78
C SER A 118 -15.65 8.35 5.24
N PRO A 119 -15.93 9.40 4.44
CA PRO A 119 -15.69 10.76 4.92
C PRO A 119 -16.27 11.00 6.29
N ALA A 120 -17.53 10.59 6.53
CA ALA A 120 -18.14 10.81 7.84
C ALA A 120 -17.33 10.13 8.93
N THR A 121 -16.83 8.92 8.68
CA THR A 121 -16.05 8.23 9.70
C THR A 121 -14.78 8.99 10.04
N MET A 122 -14.16 9.62 9.06
CA MET A 122 -12.91 10.33 9.35
C MET A 122 -13.11 11.40 10.40
N LYS A 123 -14.28 12.04 10.44
CA LYS A 123 -14.57 13.03 11.48
C LYS A 123 -14.41 12.44 12.87
N THR A 124 -14.79 11.16 13.05
CA THR A 124 -14.76 10.56 14.38
C THR A 124 -13.35 10.23 14.85
N ILE A 125 -12.38 10.09 13.94
CA ILE A 125 -11.03 9.71 14.33
C ILE A 125 -10.00 10.81 14.17
N ARG A 126 -10.35 11.91 13.50
CA ARG A 126 -9.33 12.91 13.14
C ARG A 126 -8.65 13.50 14.35
N ASP A 127 -9.42 13.89 15.38
CA ASP A 127 -8.77 14.55 16.51
C ASP A 127 -7.77 13.63 17.20
N GLY A 128 -8.13 12.38 17.43
CA GLY A 128 -7.20 11.46 18.07
C GLY A 128 -6.00 11.14 17.20
N PHE A 129 -6.21 10.97 15.91
CA PHE A 129 -5.07 10.69 15.03
C PHE A 129 -4.11 11.88 14.99
N ALA A 130 -4.64 13.10 14.90
CA ALA A 130 -3.78 14.29 14.87
C ALA A 130 -3.05 14.47 16.21
N ALA A 131 -3.77 14.29 17.32
CA ALA A 131 -3.14 14.42 18.64
C ALA A 131 -2.01 13.40 18.81
N ALA A 132 -2.23 12.16 18.37
CA ALA A 132 -1.18 11.15 18.50
C ALA A 132 0.04 11.49 17.63
N ALA A 133 -0.19 12.06 16.45
CA ALA A 133 0.93 12.48 15.62
C ALA A 133 1.74 13.60 16.29
N ASP A 134 1.04 14.63 16.75
CA ASP A 134 1.72 15.74 17.43
C ASP A 134 2.51 15.23 18.63
N ALA A 135 1.91 14.37 19.44
CA ALA A 135 2.59 13.87 20.62
C ALA A 135 3.83 13.07 20.25
N LYS A 136 3.73 12.24 19.20
CA LYS A 136 4.87 11.44 18.77
C LYS A 136 6.02 12.32 18.33
N VAL A 137 5.73 13.34 17.53
CA VAL A 137 6.82 14.21 17.08
C VAL A 137 7.49 14.91 18.25
N ASP A 138 6.69 15.43 19.19
CA ASP A 138 7.26 16.08 20.36
C ASP A 138 8.09 15.10 21.18
N GLU A 139 7.62 13.85 21.30
CA GLU A 139 8.40 12.85 22.02
C GLU A 139 9.75 12.63 21.34
N LEU A 140 9.74 12.49 20.01
CA LEU A 140 10.97 12.23 19.29
C LEU A 140 11.93 13.42 19.36
N LEU A 141 11.40 14.63 19.46
CA LEU A 141 12.27 15.81 19.58
C LEU A 141 12.99 15.85 20.93
N GLN A 142 12.46 15.18 21.95
CA GLN A 142 13.17 15.08 23.22
C GLN A 142 14.32 14.09 23.14
N ARG A 143 14.31 13.19 22.16
CA ARG A 143 15.39 12.23 21.98
C ARG A 143 16.44 12.73 21.00
N GLY A 144 16.03 13.56 20.04
CA GLY A 144 16.90 14.10 19.03
C GLY A 144 17.21 13.11 17.93
N CYS A 145 17.68 11.92 18.32
CA CYS A 145 18.33 10.98 17.43
C CYS A 145 17.61 9.64 17.50
N ILE A 146 16.89 9.32 16.44
CA ILE A 146 15.88 8.26 16.46
C ILE A 146 15.93 7.47 15.15
N ASP A 147 15.23 6.34 15.13
CA ASP A 147 15.04 5.57 13.91
C ASP A 147 13.66 5.93 13.36
N ALA A 148 13.63 6.63 12.23
CA ALA A 148 12.36 7.08 11.66
C ALA A 148 11.45 5.93 11.24
N ILE A 149 11.96 4.71 11.17
CA ILE A 149 11.09 3.57 10.92
C ILE A 149 10.50 3.06 12.23
N ALA A 150 11.31 2.36 13.05
CA ALA A 150 10.80 1.81 14.30
C ALA A 150 10.10 2.86 15.16
N ASP A 151 10.71 4.04 15.30
CA ASP A 151 10.24 5.04 16.25
C ASP A 151 9.19 5.99 15.70
N LEU A 152 8.89 5.93 14.39
CA LEU A 152 7.97 6.90 13.83
C LEU A 152 7.04 6.26 12.80
N ALA A 153 7.60 5.78 11.69
CA ALA A 153 6.80 5.16 10.65
C ALA A 153 6.02 3.95 11.17
N GLU A 154 6.62 3.18 12.06
CA GLU A 154 5.90 2.05 12.67
C GLU A 154 5.17 2.47 13.94
N ALA A 155 5.85 3.23 14.81
CA ALA A 155 5.27 3.53 16.11
C ALA A 155 3.97 4.32 15.98
N TYR A 156 3.93 5.30 15.08
CA TYR A 156 2.71 6.11 14.97
C TYR A 156 1.53 5.28 14.49
N PRO A 157 1.57 4.61 13.34
CA PRO A 157 0.43 3.77 12.97
C PRO A 157 0.08 2.72 14.02
N LEU A 158 1.07 2.14 14.69
CA LEU A 158 0.74 1.18 15.74
C LEU A 158 -0.03 1.84 16.88
N SER A 159 0.19 3.14 17.09
CA SER A 159 -0.46 3.84 18.21
C SER A 159 -1.90 4.25 17.91
N VAL A 160 -2.34 4.23 16.65
CA VAL A 160 -3.65 4.72 16.28
C VAL A 160 -4.50 3.67 15.57
N PHE A 161 -3.90 2.87 14.68
CA PHE A 161 -4.73 2.05 13.79
C PHE A 161 -5.33 0.83 14.50
N PRO A 162 -4.55 0.05 15.24
CA PRO A 162 -5.16 -1.06 15.99
C PRO A 162 -6.29 -0.60 16.89
N ASP A 163 -6.12 0.55 17.55
CA ASP A 163 -7.20 1.08 18.38
C ASP A 163 -8.41 1.47 17.54
N ALA A 164 -8.19 2.10 16.39
CA ALA A 164 -9.31 2.49 15.53
C ALA A 164 -10.03 1.27 14.97
N MET A 165 -9.30 0.18 14.75
CA MET A 165 -9.91 -1.08 14.37
C MET A 165 -10.74 -1.66 15.51
N GLY A 166 -10.42 -1.30 16.75
CA GLY A 166 -11.05 -1.91 17.91
C GLY A 166 -10.43 -3.21 18.36
N LEU A 167 -9.14 -3.44 18.08
CA LEU A 167 -8.45 -4.66 18.48
C LEU A 167 -8.11 -4.63 19.96
N LYS A 168 -8.18 -5.80 20.58
CA LYS A 168 -7.67 -5.94 21.93
C LYS A 168 -6.14 -5.72 21.94
N GLN A 169 -5.58 -5.57 23.14
CA GLN A 169 -4.14 -5.38 23.25
C GLN A 169 -3.37 -6.65 22.96
N GLU A 170 -3.86 -7.78 23.43
CA GLU A 170 -3.10 -9.02 23.37
C GLU A 170 -2.96 -9.49 21.91
N GLY A 171 -1.73 -9.79 21.51
CA GLY A 171 -1.47 -10.37 20.22
C GLY A 171 -1.09 -9.38 19.14
N ARG A 172 -1.13 -8.08 19.43
CA ARG A 172 -0.83 -7.09 18.39
C ARG A 172 0.56 -7.28 17.80
N GLU A 173 1.47 -7.94 18.52
CA GLU A 173 2.78 -8.21 17.97
C GLU A 173 2.72 -9.01 16.67
N HIS A 174 1.58 -9.65 16.35
CA HIS A 174 1.44 -10.41 15.12
C HIS A 174 1.01 -9.57 13.92
N LEU A 175 0.69 -8.28 14.11
CA LEU A 175 0.05 -7.52 13.03
C LEU A 175 1.03 -7.23 11.90
N LEU A 176 2.19 -6.68 12.22
CA LEU A 176 3.17 -6.38 11.17
C LEU A 176 3.68 -7.66 10.52
N PRO A 177 4.01 -8.70 11.28
CA PRO A 177 4.41 -9.96 10.64
C PRO A 177 3.34 -10.49 9.70
N TYR A 178 2.06 -10.41 10.09
CA TYR A 178 1.01 -10.89 9.20
C TYR A 178 0.95 -10.07 7.92
N ALA A 179 1.02 -8.74 8.04
CA ALA A 179 0.97 -7.90 6.84
C ALA A 179 2.18 -8.17 5.94
N GLY A 180 3.36 -8.35 6.51
CA GLY A 180 4.51 -8.67 5.70
C GLY A 180 4.32 -9.96 4.94
N LEU A 181 3.71 -10.95 5.60
CA LEU A 181 3.36 -12.20 4.94
C LEU A 181 2.39 -11.97 3.79
N VAL A 182 1.32 -11.21 4.02
CA VAL A 182 0.33 -10.97 2.98
C VAL A 182 0.99 -10.39 1.73
N PHE A 183 1.81 -9.37 1.92
CA PHE A 183 2.41 -8.69 0.77
C PHE A 183 3.51 -9.52 0.13
N ASN A 184 4.27 -10.30 0.91
CA ASN A 184 5.20 -11.23 0.29
C ASN A 184 4.48 -12.30 -0.51
N ALA A 185 3.26 -12.68 -0.10
CA ALA A 185 2.54 -13.78 -0.71
C ALA A 185 1.95 -13.42 -2.08
N PHE A 186 1.82 -12.12 -2.38
CA PHE A 186 1.43 -11.74 -3.74
C PHE A 186 2.55 -11.98 -4.73
N GLY A 187 3.78 -12.17 -4.26
CA GLY A 187 4.90 -12.33 -5.14
C GLY A 187 5.00 -13.73 -5.70
N PRO A 188 6.07 -13.96 -6.45
CA PRO A 188 6.34 -15.30 -6.99
C PRO A 188 6.86 -16.19 -5.88
N PRO A 189 6.94 -17.50 -6.12
CA PRO A 189 7.40 -18.43 -5.07
C PRO A 189 8.91 -18.41 -4.88
N ASN A 190 9.44 -17.22 -4.57
CA ASN A 190 10.85 -17.05 -4.25
C ASN A 190 11.07 -17.25 -2.76
N GLU A 191 12.31 -17.03 -2.31
CA GLU A 191 12.63 -17.28 -0.92
C GLU A 191 11.85 -16.36 0.01
N LEU A 192 11.69 -15.09 -0.35
CA LEU A 192 10.86 -14.19 0.46
C LEU A 192 9.46 -14.77 0.69
N ARG A 193 8.85 -15.31 -0.38
CA ARG A 193 7.49 -15.83 -0.22
C ARG A 193 7.47 -17.13 0.57
N GLN A 194 8.36 -18.07 0.23
CA GLN A 194 8.33 -19.36 0.91
C GLN A 194 8.64 -19.22 2.39
N THR A 195 9.59 -18.34 2.73
CA THR A 195 9.91 -18.12 4.13
C THR A 195 8.75 -17.46 4.87
N ALA A 196 8.02 -16.59 4.20
CA ALA A 196 6.88 -15.93 4.84
C ALA A 196 5.73 -16.91 5.09
N ILE A 197 5.44 -17.78 4.12
CA ILE A 197 4.27 -18.65 4.26
C ILE A 197 4.57 -19.79 5.22
N GLU A 198 5.79 -20.31 5.19
CA GLU A 198 6.19 -21.39 6.09
C GLU A 198 6.05 -20.94 7.54
N ARG A 199 5.41 -21.78 8.36
CA ARG A 199 5.22 -21.48 9.78
C ARG A 199 4.49 -20.17 10.04
N SER A 200 3.61 -19.78 9.11
CA SER A 200 2.81 -18.58 9.31
C SER A 200 1.52 -18.84 10.09
N ALA A 201 1.22 -20.10 10.40
CA ALA A 201 -0.01 -20.42 11.11
C ALA A 201 -0.24 -19.55 12.33
N PRO A 202 0.73 -19.29 13.21
CA PRO A 202 0.44 -18.45 14.38
C PRO A 202 -0.01 -17.04 14.05
N HIS A 203 0.52 -16.44 12.98
CA HIS A 203 0.04 -15.12 12.56
C HIS A 203 -1.36 -15.21 11.99
N GLN A 204 -1.63 -16.22 11.18
CA GLN A 204 -2.97 -16.41 10.64
C GLN A 204 -3.98 -16.63 11.77
N ALA A 205 -3.62 -17.45 12.76
CA ALA A 205 -4.56 -17.75 13.84
C ALA A 205 -4.89 -16.50 14.63
N TYR A 206 -3.88 -15.68 14.92
CA TYR A 206 -4.16 -14.44 15.64
C TYR A 206 -5.11 -13.55 14.85
N VAL A 207 -4.78 -13.26 13.59
CA VAL A 207 -5.61 -12.35 12.80
C VAL A 207 -7.02 -12.90 12.64
N ASN A 208 -7.13 -14.18 12.27
CA ASN A 208 -8.45 -14.77 12.07
C ASN A 208 -9.28 -14.69 13.33
N GLU A 209 -8.67 -14.89 14.50
CA GLU A 209 -9.41 -14.78 15.74
C GLU A 209 -9.93 -13.35 15.97
N GLN A 210 -9.09 -12.34 15.72
CA GLN A 210 -9.53 -10.97 15.97
C GLN A 210 -10.62 -10.53 15.01
N CYS A 211 -10.78 -11.23 13.88
CA CYS A 211 -11.84 -10.87 12.93
C CYS A 211 -13.23 -11.28 13.41
N GLN A 212 -13.32 -12.10 14.44
CA GLN A 212 -14.62 -12.54 14.93
C GLN A 212 -15.25 -11.44 15.78
N ARG A 213 -16.56 -11.28 15.63
CA ARG A 213 -17.26 -10.16 16.26
C ARG A 213 -16.97 -9.96 17.75
N PRO A 214 -16.95 -10.99 18.59
CA PRO A 214 -16.76 -10.75 20.03
C PRO A 214 -15.44 -10.09 20.38
N ASN A 215 -14.46 -10.12 19.49
CA ASN A 215 -13.13 -9.61 19.78
C ASN A 215 -12.93 -8.16 19.34
N LEU A 216 -13.93 -7.54 18.74
CA LEU A 216 -13.77 -6.20 18.18
C LEU A 216 -14.57 -5.19 19.01
N ALA A 217 -13.89 -4.15 19.42
CA ALA A 217 -14.53 -3.16 20.30
C ALA A 217 -15.66 -2.44 19.59
N PRO A 218 -16.84 -2.34 20.20
CA PRO A 218 -17.91 -1.55 19.58
C PRO A 218 -17.40 -0.16 19.22
N GLY A 219 -17.85 0.33 18.06
CA GLY A 219 -17.45 1.63 17.56
C GLY A 219 -16.22 1.63 16.68
N GLY A 220 -15.38 0.60 16.75
CA GLY A 220 -14.20 0.53 15.90
C GLY A 220 -14.55 0.02 14.50
N PHE A 221 -13.56 0.06 13.61
CA PHE A 221 -13.82 -0.31 12.22
C PHE A 221 -14.33 -1.74 12.13
N GLY A 222 -13.72 -2.66 12.89
CA GLY A 222 -14.13 -4.06 12.82
C GLY A 222 -15.57 -4.27 13.24
N ALA A 223 -15.94 -3.70 14.39
CA ALA A 223 -17.33 -3.81 14.85
C ALA A 223 -18.28 -3.18 13.85
N CYS A 224 -17.87 -2.07 13.22
CA CYS A 224 -18.73 -1.41 12.24
CA CYS A 224 -18.75 -1.42 12.25
C CYS A 224 -18.95 -2.29 11.02
N ILE A 225 -17.93 -3.02 10.58
CA ILE A 225 -18.12 -3.98 9.50
C ILE A 225 -19.19 -5.00 9.88
N HIS A 226 -19.06 -5.58 11.07
CA HIS A 226 -20.06 -6.56 11.52
C HIS A 226 -21.46 -5.95 11.59
N ALA A 227 -21.56 -4.68 11.99
CA ALA A 227 -22.86 -4.04 12.06
C ALA A 227 -23.54 -3.97 10.69
N PHE A 228 -22.76 -3.94 9.61
CA PHE A 228 -23.35 -3.92 8.29
C PHE A 228 -23.96 -5.24 7.87
N THR A 229 -23.71 -6.33 8.59
CA THR A 229 -24.40 -7.57 8.26
C THR A 229 -25.91 -7.44 8.42
N ASP A 230 -26.37 -6.47 9.22
CA ASP A 230 -27.81 -6.26 9.39
C ASP A 230 -28.47 -5.71 8.13
N THR A 231 -27.72 -5.05 7.24
CA THR A 231 -28.32 -4.30 6.15
C THR A 231 -28.58 -5.14 4.91
N GLY A 232 -28.08 -6.36 4.87
CA GLY A 232 -28.14 -7.14 3.65
C GLY A 232 -27.02 -6.89 2.68
N GLU A 233 -26.05 -6.03 3.03
CA GLU A 233 -24.94 -5.81 2.12
C GLU A 233 -23.90 -6.91 2.19
N ILE A 234 -23.65 -7.44 3.39
CA ILE A 234 -22.77 -8.58 3.59
C ILE A 234 -23.45 -9.51 4.59
N THR A 235 -23.18 -10.82 4.45
CA THR A 235 -23.70 -11.76 5.44
C THR A 235 -22.75 -11.84 6.63
N PRO A 236 -23.24 -12.38 7.76
CA PRO A 236 -22.35 -12.51 8.92
C PRO A 236 -21.08 -13.29 8.65
N ASP A 237 -21.12 -14.31 7.78
CA ASP A 237 -19.90 -15.07 7.47
C ASP A 237 -18.95 -14.33 6.55
N GLU A 238 -19.40 -13.24 5.91
CA GLU A 238 -18.48 -12.41 5.12
C GLU A 238 -17.76 -11.37 5.98
N ALA A 239 -18.34 -10.95 7.10
CA ALA A 239 -17.76 -9.87 7.87
C ALA A 239 -16.35 -10.17 8.37
N PRO A 240 -16.05 -11.34 8.93
CA PRO A 240 -14.66 -11.60 9.35
C PRO A 240 -13.64 -11.41 8.24
N LEU A 241 -13.97 -11.84 7.01
CA LEU A 241 -13.01 -11.67 5.92
C LEU A 241 -12.82 -10.21 5.57
N LEU A 242 -13.85 -9.38 5.71
CA LEU A 242 -13.68 -7.94 5.44
C LEU A 242 -12.86 -7.27 6.53
N VAL A 243 -13.06 -7.66 7.79
CA VAL A 243 -12.14 -7.23 8.84
C VAL A 243 -10.72 -7.65 8.50
N ARG A 244 -10.57 -8.89 8.01
CA ARG A 244 -9.24 -9.36 7.64
C ARG A 244 -8.60 -8.48 6.58
N SER A 245 -9.39 -7.96 5.64
CA SER A 245 -8.83 -7.07 4.63
C SER A 245 -8.22 -5.83 5.26
N LEU A 246 -8.89 -5.25 6.27
CA LEU A 246 -8.36 -4.06 6.92
C LEU A 246 -7.09 -4.38 7.72
N LEU A 247 -7.06 -5.55 8.37
CA LEU A 247 -5.87 -5.96 9.09
C LEU A 247 -4.75 -6.41 8.17
N SER A 248 -5.06 -6.70 6.91
CA SER A 248 -4.01 -7.04 5.94
C SER A 248 -3.41 -5.79 5.32
N ALA A 249 -4.26 -4.86 4.91
CA ALA A 249 -3.83 -3.72 4.11
C ALA A 249 -3.64 -2.46 4.92
N GLY A 250 -4.19 -2.38 6.12
CA GLY A 250 -4.34 -1.07 6.72
C GLY A 250 -3.20 -0.57 7.57
N LEU A 251 -2.23 -1.42 7.91
CA LEU A 251 -1.14 -1.02 8.78
C LEU A 251 0.18 -0.89 8.02
N ASP A 252 0.66 -1.98 7.40
CA ASP A 252 1.98 -1.98 6.78
C ASP A 252 2.07 -0.99 5.61
N THR A 253 0.98 -0.78 4.90
CA THR A 253 0.99 0.20 3.82
C THR A 253 1.28 1.58 4.37
N THR A 254 0.59 1.96 5.45
CA THR A 254 0.79 3.29 6.04
C THR A 254 2.17 3.42 6.65
N VAL A 255 2.70 2.34 7.24
CA VAL A 255 4.07 2.35 7.74
C VAL A 255 5.02 2.75 6.62
N ASN A 256 4.91 2.09 5.47
CA ASN A 256 5.81 2.41 4.36
C ASN A 256 5.48 3.74 3.69
N GLY A 257 4.21 4.15 3.71
CA GLY A 257 3.88 5.47 3.19
C GLY A 257 4.45 6.59 4.03
N ILE A 258 4.29 6.50 5.35
CA ILE A 258 4.86 7.53 6.23
C ILE A 258 6.39 7.49 6.17
N GLY A 259 6.98 6.29 6.18
CA GLY A 259 8.42 6.20 6.06
C GLY A 259 8.92 6.79 4.76
N ALA A 260 8.18 6.58 3.67
CA ALA A 260 8.58 7.18 2.40
C ALA A 260 8.56 8.69 2.49
N ALA A 261 7.51 9.25 3.11
CA ALA A 261 7.41 10.70 3.24
C ALA A 261 8.57 11.25 4.06
N VAL A 262 8.88 10.62 5.19
CA VAL A 262 9.98 11.10 6.00
C VAL A 262 11.31 10.98 5.26
N TYR A 263 11.50 9.86 4.56
CA TYR A 263 12.72 9.70 3.76
C TYR A 263 12.82 10.78 2.69
N CYS A 264 11.69 11.13 2.07
CA CYS A 264 11.69 12.18 1.06
C CYS A 264 12.07 13.52 1.69
N LEU A 265 11.44 13.86 2.81
CA LEU A 265 11.74 15.13 3.47
C LEU A 265 13.19 15.17 3.95
N ALA A 266 13.74 14.03 4.36
CA ALA A 266 15.14 13.98 4.75
C ALA A 266 16.06 14.19 3.56
N ARG A 267 15.69 13.68 2.39
CA ARG A 267 16.54 13.79 1.21
C ARG A 267 16.38 15.11 0.48
N PHE A 268 15.22 15.77 0.62
CA PHE A 268 14.89 16.98 -0.12
C PHE A 268 14.63 18.10 0.90
N PRO A 269 15.69 18.65 1.50
CA PRO A 269 15.49 19.70 2.52
C PRO A 269 14.74 20.91 2.00
N GLY A 270 14.87 21.26 0.72
CA GLY A 270 14.10 22.36 0.18
C GLY A 270 12.60 22.13 0.31
N GLU A 271 12.17 20.87 0.11
CA GLU A 271 10.76 20.56 0.21
C GLU A 271 10.29 20.55 1.67
N LEU A 272 11.14 20.09 2.59
CA LEU A 272 10.79 20.23 4.00
C LEU A 272 10.58 21.70 4.36
N GLN A 273 11.41 22.59 3.79
CA GLN A 273 11.27 24.00 4.12
C GLN A 273 10.01 24.60 3.50
N ARG A 274 9.62 24.13 2.37
CA ARG A 274 8.36 24.63 1.79
C ARG A 274 7.20 24.10 2.64
N LEU A 275 7.23 22.87 3.04
CA LEU A 275 6.20 22.32 3.93
C LEU A 275 6.13 23.10 5.23
N ARG A 276 7.28 23.38 5.85
CA ARG A 276 7.28 24.19 7.07
C ARG A 276 6.59 25.53 6.84
N SER A 277 6.84 26.16 5.68
CA SER A 277 6.31 27.48 5.43
C SER A 277 4.82 27.46 5.17
N ASP A 278 4.26 26.34 4.74
CA ASP A 278 2.82 26.20 4.54
C ASP A 278 2.38 24.80 4.94
N PRO A 279 2.15 24.58 6.23
CA PRO A 279 1.72 23.25 6.67
C PRO A 279 0.46 22.74 5.99
N THR A 280 -0.34 23.60 5.37
CA THR A 280 -1.49 23.09 4.65
C THR A 280 -1.10 22.28 3.42
N LEU A 281 0.19 22.28 3.03
CA LEU A 281 0.67 21.38 2.00
C LEU A 281 0.90 19.95 2.51
N ALA A 282 0.61 19.67 3.77
CA ALA A 282 0.91 18.35 4.33
C ALA A 282 0.21 17.24 3.55
N ARG A 283 -1.06 17.44 3.20
CA ARG A 283 -1.80 16.38 2.52
C ARG A 283 -1.19 16.09 1.16
N ASN A 284 -0.86 17.15 0.41
CA ASN A 284 -0.26 16.91 -0.90
C ASN A 284 1.18 16.42 -0.79
N ALA A 285 1.91 16.84 0.24
CA ALA A 285 3.25 16.30 0.45
C ALA A 285 3.20 14.80 0.67
N PHE A 286 2.18 14.32 1.38
CA PHE A 286 2.05 12.88 1.57
C PHE A 286 1.65 12.20 0.27
N GLU A 287 0.69 12.77 -0.46
CA GLU A 287 0.28 12.19 -1.73
C GLU A 287 1.46 12.08 -2.67
N GLU A 288 2.31 13.11 -2.70
CA GLU A 288 3.48 13.09 -3.57
C GLU A 288 4.49 12.03 -3.14
N ALA A 289 4.60 11.77 -1.84
CA ALA A 289 5.44 10.69 -1.36
C ALA A 289 4.90 9.33 -1.83
N VAL A 290 3.58 9.17 -1.84
CA VAL A 290 3.00 7.94 -2.37
C VAL A 290 3.33 7.76 -3.83
N ARG A 291 3.22 8.84 -4.63
CA ARG A 291 3.62 8.73 -6.03
C ARG A 291 5.10 8.43 -6.14
N PHE A 292 5.93 9.16 -5.40
CA PHE A 292 7.38 9.13 -5.58
C PHE A 292 7.98 7.79 -5.17
N GLU A 293 7.55 7.24 -4.04
CA GLU A 293 8.06 5.95 -3.59
C GLU A 293 7.15 4.78 -3.94
N SER A 294 5.86 5.02 -4.11
CA SER A 294 4.89 3.97 -4.42
C SER A 294 5.04 2.77 -3.48
N PRO A 295 4.59 2.92 -2.23
CA PRO A 295 4.78 1.86 -1.23
C PRO A 295 4.28 0.51 -1.68
N VAL A 296 3.15 0.46 -2.39
CA VAL A 296 2.71 -0.75 -3.06
C VAL A 296 3.21 -0.68 -4.49
N GLN A 297 4.20 -1.51 -4.80
CA GLN A 297 4.94 -1.39 -6.06
C GLN A 297 4.20 -2.02 -7.25
N THR A 298 3.51 -3.12 -7.02
CA THR A 298 3.03 -3.97 -8.09
C THR A 298 1.75 -4.67 -7.66
N PHE A 299 0.92 -4.99 -8.64
CA PHE A 299 -0.17 -5.95 -8.49
C PHE A 299 -0.35 -6.62 -9.84
N PHE A 300 -0.94 -7.80 -9.82
CA PHE A 300 -1.25 -8.55 -11.02
C PHE A 300 -2.74 -8.48 -11.35
N ARG A 301 -3.04 -8.77 -12.61
CA ARG A 301 -4.37 -9.13 -13.07
C ARG A 301 -4.24 -10.41 -13.89
N THR A 302 -5.38 -11.04 -14.19
CA THR A 302 -5.39 -12.21 -15.05
C THR A 302 -6.36 -11.96 -16.20
N THR A 303 -5.93 -12.24 -17.43
CA THR A 303 -6.82 -12.00 -18.55
C THR A 303 -7.94 -13.03 -18.58
N THR A 304 -9.16 -12.57 -18.86
CA THR A 304 -10.32 -13.44 -18.97
C THR A 304 -10.61 -13.85 -20.41
N ARG A 305 -9.86 -13.31 -21.35
CA ARG A 305 -10.07 -13.54 -22.77
C ARG A 305 -8.81 -13.09 -23.49
N GLU A 306 -8.66 -13.53 -24.73
CA GLU A 306 -7.58 -13.00 -25.54
C GLU A 306 -7.80 -11.50 -25.73
N VAL A 307 -6.72 -10.73 -25.64
CA VAL A 307 -6.83 -9.27 -25.63
C VAL A 307 -5.59 -8.67 -26.25
N GLU A 308 -5.77 -7.63 -27.05
CA GLU A 308 -4.67 -6.87 -27.61
C GLU A 308 -4.35 -5.71 -26.66
N LEU A 309 -3.09 -5.63 -26.26
CA LEU A 309 -2.61 -4.54 -25.41
C LEU A 309 -1.25 -4.11 -25.93
N GLY A 310 -1.11 -2.83 -26.25
CA GLY A 310 0.14 -2.31 -26.78
C GLY A 310 0.62 -3.08 -27.99
N GLY A 311 -0.29 -3.35 -28.92
CA GLY A 311 0.05 -4.12 -30.10
C GLY A 311 0.38 -5.57 -29.86
N ALA A 312 0.29 -6.04 -28.62
CA ALA A 312 0.57 -7.42 -28.28
C ALA A 312 -0.73 -8.18 -28.06
N VAL A 313 -0.79 -9.41 -28.56
CA VAL A 313 -1.96 -10.26 -28.40
C VAL A 313 -1.71 -11.18 -27.22
N ILE A 314 -2.39 -10.93 -26.11
CA ILE A 314 -2.25 -11.73 -24.90
C ILE A 314 -3.39 -12.73 -24.84
N GLY A 315 -3.05 -14.00 -24.63
CA GLY A 315 -4.06 -15.02 -24.57
C GLY A 315 -4.86 -14.94 -23.30
N GLU A 316 -5.92 -15.75 -23.25
CA GLU A 316 -6.74 -15.86 -22.05
C GLU A 316 -5.94 -16.54 -20.94
N GLY A 317 -6.27 -16.19 -19.71
CA GLY A 317 -5.69 -16.86 -18.57
C GLY A 317 -4.23 -16.56 -18.32
N GLU A 318 -3.76 -15.38 -18.75
CA GLU A 318 -2.37 -14.98 -18.58
C GLU A 318 -2.29 -13.94 -17.47
N LYS A 319 -1.22 -14.03 -16.68
CA LYS A 319 -0.97 -13.03 -15.66
C LYS A 319 -0.31 -11.80 -16.26
N VAL A 320 -0.75 -10.63 -15.81
CA VAL A 320 -0.23 -9.34 -16.26
C VAL A 320 0.22 -8.58 -15.02
N LEU A 321 1.51 -8.27 -14.96
CA LEU A 321 2.09 -7.55 -13.84
C LEU A 321 2.08 -6.05 -14.13
N MET A 322 1.42 -5.28 -13.26
CA MET A 322 1.36 -3.83 -13.38
C MET A 322 2.41 -3.22 -12.46
N PHE A 323 3.30 -2.41 -13.04
CA PHE A 323 4.32 -1.71 -12.25
C PHE A 323 3.77 -0.34 -11.89
N LEU A 324 3.10 -0.27 -10.72
CA LEU A 324 2.52 0.99 -10.26
C LEU A 324 3.60 2.05 -10.00
N GLY A 325 4.69 1.65 -9.34
CA GLY A 325 5.77 2.60 -9.10
C GLY A 325 6.37 3.15 -10.38
N SER A 326 6.54 2.28 -11.38
CA SER A 326 7.04 2.72 -12.68
C SER A 326 6.07 3.67 -13.36
N ALA A 327 4.78 3.35 -13.34
CA ALA A 327 3.79 4.23 -13.95
C ALA A 327 3.83 5.61 -13.31
N ASN A 328 4.08 5.67 -12.00
CA ASN A 328 4.15 6.93 -11.27
C ASN A 328 5.46 7.67 -11.51
N ARG A 329 6.39 7.08 -12.25
CA ARG A 329 7.62 7.75 -12.62
C ARG A 329 7.80 7.84 -14.13
N ASP A 330 6.77 7.55 -14.89
CA ASP A 330 6.89 7.51 -16.36
C ASP A 330 6.99 8.93 -16.91
N PRO A 331 8.11 9.30 -17.56
CA PRO A 331 8.22 10.67 -18.09
C PRO A 331 7.24 10.96 -19.21
N ARG A 332 6.58 9.94 -19.78
CA ARG A 332 5.52 10.18 -20.75
C ARG A 332 4.35 10.91 -20.12
N ARG A 333 4.20 10.80 -18.80
CA ARG A 333 3.10 11.36 -18.05
C ARG A 333 3.51 12.45 -17.07
N TRP A 334 4.67 12.32 -16.42
CA TRP A 334 5.06 13.21 -15.35
C TRP A 334 6.26 14.07 -15.76
N SER A 335 6.20 15.36 -15.41
CA SER A 335 7.35 16.24 -15.54
C SER A 335 8.30 15.98 -14.38
N ASP A 336 9.59 15.83 -14.69
CA ASP A 336 10.61 15.59 -13.67
C ASP A 336 10.13 14.51 -12.70
N PRO A 337 9.84 13.31 -13.19
CA PRO A 337 9.24 12.28 -12.33
C PRO A 337 10.10 11.89 -11.15
N ASP A 338 11.40 12.08 -11.27
CA ASP A 338 12.34 11.70 -10.21
C ASP A 338 12.48 12.73 -9.09
N LEU A 339 11.83 13.88 -9.25
CA LEU A 339 11.91 14.92 -8.24
C LEU A 339 10.69 14.82 -7.33
N TYR A 340 10.92 15.00 -6.04
CA TYR A 340 9.86 15.08 -5.05
C TYR A 340 9.41 16.53 -4.96
N ASP A 341 8.16 16.79 -5.34
CA ASP A 341 7.63 18.16 -5.45
C ASP A 341 6.31 18.22 -4.73
N ILE A 342 6.28 18.83 -3.55
CA ILE A 342 5.08 18.80 -2.72
C ILE A 342 3.93 19.63 -3.27
N THR A 343 4.15 20.46 -4.29
CA THR A 343 3.06 21.16 -4.94
C THR A 343 2.70 20.56 -6.30
N ARG A 344 3.26 19.40 -6.63
CA ARG A 344 2.89 18.73 -7.87
C ARG A 344 1.40 18.44 -7.90
N LYS A 345 0.80 18.57 -9.07
CA LYS A 345 -0.56 18.07 -9.28
C LYS A 345 -0.49 16.55 -9.37
N THR A 346 -0.77 15.88 -8.25
CA THR A 346 -0.60 14.43 -8.15
C THR A 346 -1.80 13.65 -8.66
N SER A 347 -2.92 14.31 -8.95
N SER A 347 -2.87 14.31 -8.98
CA SER A 347 -4.12 13.58 -9.33
CA SER A 347 -4.08 13.58 -9.39
C SER A 347 -3.84 12.71 -10.55
C SER A 347 -3.73 12.64 -10.53
N GLY A 348 -4.26 11.46 -10.49
CA GLY A 348 -4.00 10.51 -11.54
C GLY A 348 -2.88 9.55 -11.25
N HIS A 349 -2.09 9.77 -10.20
CA HIS A 349 -1.11 8.76 -9.87
C HIS A 349 -1.82 7.45 -9.51
N VAL A 350 -1.11 6.35 -9.64
CA VAL A 350 -1.70 5.02 -9.43
C VAL A 350 -1.19 4.34 -8.17
N GLY A 351 -0.62 5.10 -7.24
CA GLY A 351 -0.11 4.52 -5.99
C GLY A 351 -1.18 3.93 -5.11
N PHE A 352 -2.43 4.37 -5.26
CA PHE A 352 -3.60 3.78 -4.62
C PHE A 352 -4.42 2.96 -5.60
N GLY A 353 -3.88 2.66 -6.78
CA GLY A 353 -4.66 1.99 -7.79
C GLY A 353 -5.51 2.97 -8.57
N SER A 354 -6.51 2.42 -9.27
CA SER A 354 -7.38 3.24 -10.10
C SER A 354 -8.55 2.38 -10.54
N GLY A 355 -9.75 2.97 -10.55
CA GLY A 355 -10.92 2.24 -11.00
C GLY A 355 -11.67 1.53 -9.89
N VAL A 356 -12.23 0.35 -10.20
CA VAL A 356 -13.17 -0.28 -9.28
C VAL A 356 -12.52 -0.65 -7.96
N HIS A 357 -11.24 -1.02 -7.97
CA HIS A 357 -10.54 -1.45 -6.77
C HIS A 357 -9.70 -0.35 -6.13
N MET A 358 -9.78 0.89 -6.60
CA MET A 358 -8.92 1.93 -6.06
C MET A 358 -9.05 1.97 -4.54
N CYS A 359 -7.90 2.05 -3.86
CA CYS A 359 -7.78 1.87 -2.41
C CYS A 359 -9.00 2.38 -1.64
N VAL A 360 -9.73 1.46 -1.02
CA VAL A 360 -10.90 1.86 -0.25
C VAL A 360 -10.49 2.47 1.08
N GLY A 361 -9.25 2.25 1.53
CA GLY A 361 -8.75 2.86 2.73
C GLY A 361 -8.01 4.16 2.54
N GLN A 362 -8.12 4.77 1.35
CA GLN A 362 -7.28 5.92 1.04
C GLN A 362 -7.50 7.09 1.99
N LEU A 363 -8.71 7.24 2.55
CA LEU A 363 -8.93 8.36 3.45
C LEU A 363 -8.23 8.15 4.79
N VAL A 364 -8.18 6.91 5.27
CA VAL A 364 -7.41 6.62 6.47
C VAL A 364 -5.92 6.86 6.23
N ALA A 365 -5.40 6.35 5.10
CA ALA A 365 -4.00 6.54 4.77
C ALA A 365 -3.64 8.02 4.69
N ARG A 366 -4.45 8.80 3.98
CA ARG A 366 -4.17 10.22 3.83
C ARG A 366 -4.33 10.96 5.14
N LEU A 367 -5.25 10.53 6.00
CA LEU A 367 -5.40 11.18 7.29
C LEU A 367 -4.14 11.01 8.12
N GLU A 368 -3.66 9.77 8.22
CA GLU A 368 -2.43 9.50 8.97
C GLU A 368 -1.26 10.27 8.39
N GLY A 369 -1.08 10.20 7.07
CA GLY A 369 0.04 10.88 6.46
C GLY A 369 -0.05 12.38 6.64
N GLU A 370 -1.24 12.95 6.41
CA GLU A 370 -1.41 14.39 6.57
C GLU A 370 -1.06 14.83 7.98
N VAL A 371 -1.63 14.17 9.00
CA VAL A 371 -1.44 14.68 10.36
C VAL A 371 0.00 14.49 10.82
N MET A 372 0.67 13.43 10.37
CA MET A 372 2.08 13.29 10.70
C MET A 372 2.92 14.35 10.02
N LEU A 373 2.69 14.60 8.73
CA LEU A 373 3.46 15.61 8.04
C LEU A 373 3.14 17.00 8.57
N SER A 374 1.90 17.22 9.01
CA SER A 374 1.56 18.49 9.63
C SER A 374 2.34 18.70 10.92
N ALA A 375 2.41 17.65 11.76
CA ALA A 375 3.19 17.76 12.99
C ALA A 375 4.65 18.03 12.70
N LEU A 376 5.23 17.34 11.72
CA LEU A 376 6.61 17.64 11.34
C LEU A 376 6.73 19.08 10.84
N ALA A 377 5.78 19.52 10.01
CA ALA A 377 5.86 20.85 9.42
C ALA A 377 5.88 21.92 10.50
N ARG A 378 5.12 21.72 11.58
CA ARG A 378 4.99 22.72 12.62
C ARG A 378 6.08 22.65 13.68
N LYS A 379 6.73 21.49 13.84
CA LYS A 379 7.58 21.26 15.00
C LYS A 379 9.05 21.02 14.68
N VAL A 380 9.38 20.69 13.44
CA VAL A 380 10.73 20.26 13.09
C VAL A 380 11.33 21.23 12.09
N ALA A 381 12.59 21.60 12.31
CA ALA A 381 13.30 22.50 11.41
C ALA A 381 14.19 21.78 10.42
N ALA A 382 14.69 20.60 10.77
CA ALA A 382 15.54 19.85 9.87
C ALA A 382 15.46 18.38 10.21
N ILE A 383 15.67 17.54 9.20
CA ILE A 383 15.72 16.09 9.35
C ILE A 383 17.00 15.64 8.67
N ASP A 384 17.95 15.13 9.45
CA ASP A 384 19.27 14.77 8.95
C ASP A 384 19.49 13.28 9.14
N ILE A 385 19.76 12.57 8.04
CA ILE A 385 20.15 11.17 8.17
C ILE A 385 21.48 11.13 8.91
N ASP A 386 21.55 10.34 9.97
CA ASP A 386 22.78 10.30 10.77
C ASP A 386 23.09 8.89 11.23
N GLY A 387 22.85 7.91 10.37
CA GLY A 387 23.21 6.54 10.62
C GLY A 387 22.98 5.71 9.39
N PRO A 388 23.40 4.45 9.42
CA PRO A 388 23.25 3.59 8.24
C PRO A 388 21.78 3.37 7.90
N VAL A 389 21.43 3.61 6.65
CA VAL A 389 20.07 3.38 6.17
C VAL A 389 19.98 1.95 5.64
N LYS A 390 18.93 1.24 6.03
CA LYS A 390 18.75 -0.15 5.64
C LYS A 390 17.39 -0.32 4.98
N ARG A 391 17.38 -1.00 3.85
CA ARG A 391 16.15 -1.21 3.10
C ARG A 391 15.48 -2.49 3.58
N ARG A 392 14.15 -2.49 3.52
CA ARG A 392 13.34 -3.65 3.89
C ARG A 392 12.84 -4.29 2.61
N PHE A 393 13.08 -5.59 2.46
CA PHE A 393 12.76 -6.28 1.23
C PHE A 393 11.43 -7.01 1.37
N ASN A 394 10.55 -6.80 0.40
CA ASN A 394 9.24 -7.42 0.37
C ASN A 394 8.84 -7.54 -1.09
N ASN A 395 8.14 -8.61 -1.44
CA ASN A 395 7.80 -8.82 -2.84
C ASN A 395 6.87 -7.76 -3.40
N THR A 396 6.11 -7.08 -2.55
CA THR A 396 5.16 -6.08 -3.01
C THR A 396 5.39 -4.70 -2.44
N LEU A 397 5.88 -4.58 -1.22
CA LEU A 397 6.01 -3.29 -0.54
C LEU A 397 7.43 -2.77 -0.72
N ARG A 398 7.54 -1.46 -0.96
CA ARG A 398 8.84 -0.78 -1.01
C ARG A 398 8.96 0.10 0.23
N GLY A 399 10.05 -0.03 0.94
CA GLY A 399 10.24 0.81 2.11
C GLY A 399 11.52 0.43 2.83
N LEU A 400 11.77 1.12 3.93
CA LEU A 400 13.01 0.99 4.67
C LEU A 400 12.82 0.19 5.94
N GLU A 401 13.89 -0.50 6.34
CA GLU A 401 13.97 -1.21 7.60
C GLU A 401 14.45 -0.28 8.73
N SER A 402 15.38 0.62 8.43
CA SER A 402 15.94 1.50 9.45
C SER A 402 16.32 2.82 8.78
N LEU A 403 15.93 3.92 9.40
CA LEU A 403 16.24 5.26 8.89
C LEU A 403 16.67 6.15 10.04
N PRO A 404 17.92 6.02 10.48
CA PRO A 404 18.39 6.83 11.63
C PRO A 404 18.47 8.29 11.23
N VAL A 405 17.79 9.14 12.01
CA VAL A 405 17.75 10.57 11.72
C VAL A 405 17.93 11.36 12.99
N LYS A 406 18.48 12.56 12.84
CA LYS A 406 18.48 13.55 13.90
C LYS A 406 17.42 14.60 13.55
N LEU A 407 16.47 14.82 14.46
CA LEU A 407 15.45 15.85 14.28
C LEU A 407 15.87 17.12 15.00
N THR A 408 15.89 18.24 14.28
CA THR A 408 16.16 19.54 14.90
C THR A 408 14.85 20.27 15.13
N PRO A 409 14.58 20.73 16.36
CA PRO A 409 13.30 21.40 16.62
C PRO A 409 13.22 22.76 15.95
N ALA A 410 12.01 23.13 15.55
CA ALA A 410 11.77 24.44 14.99
C ALA A 410 11.82 25.44 16.15
CL4 174 B . -3.16 -3.57 -0.69
C4 174 B . -4.29 -4.79 -0.09
C5 174 B . -3.79 -5.91 0.53
C6 174 B . -4.71 -6.85 0.99
C3 174 B . -5.64 -4.55 -0.27
C2 174 B . -6.54 -5.50 0.21
C1 174 B . -6.07 -6.65 0.83
C 174 B . -7.08 -7.69 1.36
O1 174 B . -6.65 -8.57 2.10
O2 174 B . -8.26 -7.53 0.98
H5 174 B . -2.87 -6.03 0.63
H6 174 B . -4.41 -7.62 1.42
H3 174 B . -5.94 -3.77 -0.69
H2 174 B . -7.46 -5.38 0.10
CHA HEM C . -6.67 -1.40 -2.39
CHB HEM C . -2.42 0.91 -1.95
CHC HEM C . -3.62 2.07 2.61
CHD HEM C . -7.32 -1.07 2.43
C1A HEM C . -5.46 -0.83 -2.70
C2A HEM C . -4.81 -0.82 -4.01
C3A HEM C . -3.64 -0.18 -3.89
C4A HEM C . -3.49 0.23 -2.49
CMA HEM C . -2.60 0.09 -4.99
CAA HEM C . -5.39 -1.41 -5.32
CBA HEM C . -5.37 -2.92 -5.38
CGA HEM C . -5.70 -3.44 -6.75
O1A HEM C . -5.69 -4.68 -6.93
O2A HEM C . -6.00 -2.63 -7.67
C1B HEM C . -2.38 1.47 -0.70
C2B HEM C . -1.39 2.41 -0.17
C3B HEM C . -1.73 2.71 1.09
C4B HEM C . -2.95 2.00 1.41
CMB HEM C . -0.17 2.92 -0.96
CAB HEM C . -1.04 3.67 2.09
CBB HEM C . -0.21 4.66 1.73
C1C HEM C . -4.72 1.34 2.98
C2C HEM C . -5.43 1.40 4.24
C3C HEM C . -6.44 0.52 4.19
C4C HEM C . -6.44 -0.11 2.89
CMC HEM C . -5.02 2.31 5.41
CAC HEM C . -7.50 0.19 5.27
CBC HEM C . -7.66 0.95 6.37
C1D HEM C . -7.46 -1.46 1.11
C2D HEM C . -8.43 -2.40 0.58
C3D HEM C . -8.25 -2.48 -0.74
C4D HEM C . -7.17 -1.60 -1.11
CMD HEM C . -9.47 -3.16 1.44
CAD HEM C . -9.07 -3.35 -1.73
CBD HEM C . -10.18 -2.48 -2.34
CGD HEM C . -10.87 -3.16 -3.49
O1D HEM C . -11.95 -2.62 -3.92
O2D HEM C . -10.37 -4.20 -3.97
NA HEM C . -4.62 -0.19 -1.81
NB HEM C . -3.29 1.26 0.31
NC HEM C . -5.38 0.43 2.16
ND HEM C . -6.71 -1.00 0.04
FE HEM C . -5.14 0.32 0.14
CL CL D . -5.44 -15.12 7.62
MG MG E . -12.88 -13.42 24.64
MG MG F . -5.37 -22.37 5.63
#